data_4OB1
#
_entry.id   4OB1
#
_cell.length_a   65.870
_cell.length_b   65.870
_cell.length_c   186.150
_cell.angle_alpha   90.00
_cell.angle_beta   90.00
_cell.angle_gamma   120.00
#
_symmetry.space_group_name_H-M   'P 32 2 1'
#
loop_
_entity.id
_entity.type
_entity.pdbx_description
1 polymer 'Cobalt-containing nitrile hydratase subunit alpha'
2 polymer 'Cobalt-containing nitrile hydratase subunit beta'
3 non-polymer 'COBALT (II) ION'
4 non-polymer '1-BUTANE BORONIC ACID'
5 water water
#
loop_
_entity_poly.entity_id
_entity_poly.type
_entity_poly.pdbx_seq_one_letter_code
_entity_poly.pdbx_strand_id
1 'polypeptide(L)'
;MTENILRKSDEEIQKEITARVKALESMLIEQGILTTSMIDRMAEIYENEVGPHLGAKVVVKAWTDPEFKKRLLADGTEAC
MTENILRKSDEEIQKEITARVKALESMLIEQGILTTSMIDRMAEIYENEVGPHLGAKVVVKAWTDPEFKKRLLADGTEAC
KELGIGGLQGEDMMWVENTDEVHHVVVCTL(CSD)SCYPWPVLGLPPNWFKEPQYRSRVVREPRQLLKEEFGFEVPPSKE
IKVWDSSSEMRFVVLPQRPAGTDGWSEEELATLVTRESMIGVEPAKAVHHHHHH
;
A
2 'polypeptide(L)'
;MNGVYDVGGTDGLGPINRPADEPVFRAEWEKVAFAMFPATFRAGFMGLDEFRFGIEQMNPAEYLESPYYWHWIRTYIHHG
VRTGKIDLEELERRTQYYRENPDAPLPEHEQKPELIEFVNQAVYGGLPASREVDRPPKFKEGDVVRFSTASPKGHARRAR
YVRGKTGTVVKHHGAYIYPDTAGNGLGECPEHLYTVRFTAQELWGPEGDPNSSVYYDCWEPYIELVDTKAAAA
;
B
#
loop_
_chem_comp.id
_chem_comp.type
_chem_comp.name
_chem_comp.formula
BUB non-polymer '1-BUTANE BORONIC ACID' 'C4 H11 B O2'
CO non-polymer 'COBALT (II) ION' 'Co 2'
#
# COMPACT_ATOMS: atom_id res chain seq x y z
N THR A 82 -8.93 20.67 0.66
CA THR A 82 -9.86 21.78 0.77
C THR A 82 -9.25 22.87 1.67
N GLU A 83 -9.96 23.99 1.77
CA GLU A 83 -9.51 25.14 2.54
C GLU A 83 -9.30 24.77 4.00
N ASN A 84 -8.17 25.16 4.53
CA ASN A 84 -7.95 25.04 5.95
C ASN A 84 -7.29 26.38 6.32
N ILE A 85 -7.96 27.24 7.09
CA ILE A 85 -7.40 28.57 7.37
C ILE A 85 -6.13 28.48 8.20
N LEU A 86 -5.88 27.32 8.79
CA LEU A 86 -4.70 27.14 9.63
C LEU A 86 -3.44 26.82 8.85
N ARG A 87 -3.58 26.49 7.57
CA ARG A 87 -2.50 25.88 6.83
C ARG A 87 -1.59 26.90 6.14
N LYS A 88 -0.28 26.77 6.37
CA LYS A 88 0.76 27.48 5.58
C LYS A 88 0.61 27.27 4.06
N SER A 89 1.27 28.13 3.29
CA SER A 89 1.29 27.97 1.83
C SER A 89 2.07 26.72 1.45
N ASP A 90 1.77 26.20 0.27
CA ASP A 90 2.52 25.04 -0.20
CA ASP A 90 2.53 25.07 -0.27
C ASP A 90 4.03 25.36 -0.30
N GLU A 91 4.39 26.57 -0.71
CA GLU A 91 5.79 26.98 -0.81
CA GLU A 91 5.79 26.94 -0.82
C GLU A 91 6.48 26.91 0.56
N GLU A 92 5.80 27.42 1.59
CA GLU A 92 6.40 27.39 2.93
C GLU A 92 6.54 25.98 3.47
N ILE A 93 5.54 25.13 3.17
CA ILE A 93 5.56 23.75 3.61
C ILE A 93 6.73 23.03 2.94
N GLN A 94 6.89 23.25 1.65
CA GLN A 94 8.02 22.64 0.97
C GLN A 94 9.36 23.13 1.51
N LYS A 95 9.44 24.41 1.85
CA LYS A 95 10.74 24.96 2.31
C LYS A 95 11.12 24.27 3.64
N GLU A 96 10.09 24.12 4.48
CA GLU A 96 10.34 23.50 5.80
C GLU A 96 10.72 22.03 5.65
N ILE A 97 9.95 21.28 4.85
CA ILE A 97 10.22 19.86 4.68
C ILE A 97 11.62 19.68 4.09
N THR A 98 11.95 20.49 3.10
CA THR A 98 13.27 20.37 2.48
C THR A 98 14.41 20.51 3.53
N ALA A 99 14.27 21.47 4.43
CA ALA A 99 15.34 21.62 5.45
C ALA A 99 15.37 20.44 6.42
N ARG A 100 14.18 20.00 6.84
CA ARG A 100 14.10 18.84 7.76
C ARG A 100 14.73 17.59 7.16
N VAL A 101 14.43 17.35 5.88
CA VAL A 101 14.94 16.15 5.23
C VAL A 101 16.44 16.26 5.01
N LYS A 102 16.93 17.43 4.61
CA LYS A 102 18.38 17.59 4.41
C LYS A 102 19.09 17.36 5.74
N ALA A 103 18.53 17.90 6.85
CA ALA A 103 19.12 17.63 8.18
C ALA A 103 19.17 16.12 8.50
N LEU A 104 18.04 15.43 8.30
CA LEU A 104 18.02 14.00 8.65
C LEU A 104 18.99 13.21 7.75
N GLU A 105 19.00 13.58 6.48
CA GLU A 105 19.89 12.98 5.47
C GLU A 105 21.32 13.11 5.93
N SER A 106 21.68 14.31 6.41
CA SER A 106 23.09 14.55 6.78
C SER A 106 23.46 13.63 7.93
N MET A 107 22.49 13.40 8.84
CA MET A 107 22.82 12.53 9.99
C MET A 107 22.95 11.06 9.55
N LEU A 108 22.04 10.61 8.69
CA LEU A 108 22.15 9.20 8.26
C LEU A 108 23.39 8.97 7.40
N ILE A 109 23.79 9.98 6.63
CA ILE A 109 25.05 9.91 5.88
C ILE A 109 26.21 9.76 6.86
N GLU A 110 26.22 10.58 7.90
CA GLU A 110 27.34 10.44 8.88
C GLU A 110 27.37 9.10 9.59
N GLN A 111 26.21 8.47 9.77
CA GLN A 111 26.16 7.13 10.35
C GLN A 111 26.67 6.05 9.42
N GLY A 112 26.90 6.39 8.14
CA GLY A 112 27.37 5.40 7.18
C GLY A 112 26.28 4.51 6.58
N ILE A 113 25.00 4.85 6.80
CA ILE A 113 23.93 3.95 6.35
C ILE A 113 23.16 4.43 5.10
N LEU A 114 23.46 5.66 4.66
CA LEU A 114 22.81 6.24 3.49
C LEU A 114 23.89 6.92 2.67
N THR A 115 23.83 6.80 1.35
CA THR A 115 24.82 7.43 0.48
C THR A 115 24.13 8.01 -0.73
N THR A 116 24.79 8.91 -1.45
CA THR A 116 24.19 9.46 -2.66
C THR A 116 23.92 8.39 -3.72
N SER A 117 24.82 7.41 -3.89
CA SER A 117 24.54 6.39 -4.92
C SER A 117 23.34 5.52 -4.52
N MET A 118 23.11 5.31 -3.22
CA MET A 118 21.97 4.46 -2.82
C MET A 118 20.66 5.20 -3.13
N ILE A 119 20.67 6.51 -2.84
CA ILE A 119 19.49 7.32 -3.12
C ILE A 119 19.18 7.29 -4.63
N ASP A 120 20.24 7.54 -5.40
CA ASP A 120 20.06 7.59 -6.85
C ASP A 120 19.61 6.27 -7.43
N ARG A 121 20.07 5.16 -6.83
CA ARG A 121 19.67 3.86 -7.36
C ARG A 121 18.19 3.59 -7.10
N MET A 122 17.74 3.85 -5.86
CA MET A 122 16.29 3.66 -5.61
C MET A 122 15.41 4.50 -6.55
N ALA A 123 15.80 5.76 -6.73
CA ALA A 123 15.02 6.63 -7.62
C ALA A 123 14.99 6.11 -9.04
N GLU A 124 16.15 5.68 -9.55
CA GLU A 124 16.23 5.20 -10.91
C GLU A 124 15.33 3.97 -11.11
N ILE A 125 15.36 3.04 -10.14
CA ILE A 125 14.52 1.82 -10.28
C ILE A 125 13.07 2.21 -10.43
N TYR A 126 12.58 3.10 -9.56
CA TYR A 126 11.13 3.33 -9.61
C TYR A 126 10.67 4.46 -10.55
N GLU A 127 11.64 5.21 -11.08
CA GLU A 127 11.35 6.12 -12.20
C GLU A 127 11.32 5.38 -13.54
N ASN A 128 12.25 4.47 -13.75
CA ASN A 128 12.48 3.96 -15.10
C ASN A 128 12.45 2.44 -15.30
N GLU A 129 12.55 1.66 -14.24
CA GLU A 129 12.63 0.19 -14.39
C GLU A 129 11.36 -0.55 -14.01
N VAL A 130 10.74 -0.10 -12.92
CA VAL A 130 9.57 -0.78 -12.38
C VAL A 130 8.37 0.15 -12.54
N GLY A 131 7.36 -0.32 -13.25
CA GLY A 131 6.19 0.52 -13.51
C GLY A 131 5.07 -0.32 -14.12
N PRO A 132 3.95 0.31 -14.45
CA PRO A 132 2.78 -0.48 -14.86
C PRO A 132 2.87 -1.19 -16.23
N HIS A 133 3.90 -0.91 -17.02
CA HIS A 133 4.14 -1.69 -18.23
C HIS A 133 4.39 -3.18 -17.87
N LEU A 134 4.89 -3.42 -16.67
CA LEU A 134 5.11 -4.80 -16.24
C LEU A 134 3.77 -5.54 -15.99
N GLY A 135 2.91 -4.94 -15.18
CA GLY A 135 1.57 -5.49 -15.02
C GLY A 135 0.89 -5.66 -16.37
N ALA A 136 1.08 -4.70 -17.29
CA ALA A 136 0.40 -4.81 -18.61
C ALA A 136 0.87 -6.06 -19.32
N LYS A 137 2.17 -6.40 -19.19
CA LYS A 137 2.61 -7.64 -19.87
C LYS A 137 1.90 -8.86 -19.29
N VAL A 138 1.75 -8.85 -17.97
CA VAL A 138 1.01 -9.97 -17.34
C VAL A 138 -0.45 -10.10 -17.81
N VAL A 139 -1.17 -8.97 -17.81
CA VAL A 139 -2.54 -8.93 -18.26
C VAL A 139 -2.64 -9.46 -19.69
N VAL A 140 -1.79 -9.01 -20.60
CA VAL A 140 -2.00 -9.43 -21.99
C VAL A 140 -1.63 -10.89 -22.21
N LYS A 141 -0.67 -11.41 -21.42
CA LYS A 141 -0.41 -12.84 -21.45
C LYS A 141 -1.64 -13.62 -20.98
N ALA A 142 -2.27 -13.18 -19.89
CA ALA A 142 -3.49 -13.87 -19.41
C ALA A 142 -4.60 -13.77 -20.46
N TRP A 143 -4.73 -12.61 -21.12
CA TRP A 143 -5.78 -12.47 -22.15
C TRP A 143 -5.59 -13.39 -23.32
N THR A 144 -4.34 -13.76 -23.62
CA THR A 144 -4.02 -14.51 -24.84
C THR A 144 -3.53 -15.92 -24.54
N ASP A 145 -3.66 -16.37 -23.30
CA ASP A 145 -3.13 -17.69 -22.91
C ASP A 145 -3.92 -18.20 -21.73
N PRO A 146 -4.97 -18.98 -21.97
CA PRO A 146 -5.88 -19.40 -20.88
C PRO A 146 -5.20 -20.21 -19.79
N GLU A 147 -4.16 -20.99 -20.14
CA GLU A 147 -3.47 -21.74 -19.12
C GLU A 147 -2.67 -20.85 -18.19
N PHE A 148 -1.99 -19.87 -18.76
CA PHE A 148 -1.29 -18.88 -17.94
C PHE A 148 -2.29 -18.13 -17.09
N LYS A 149 -3.44 -17.75 -17.66
CA LYS A 149 -4.45 -17.05 -16.86
C LYS A 149 -4.88 -17.90 -15.64
N LYS A 150 -5.07 -19.22 -15.86
CA LYS A 150 -5.38 -20.12 -14.73
C LYS A 150 -4.26 -20.09 -13.69
N ARG A 151 -3.02 -20.13 -14.15
CA ARG A 151 -1.91 -20.09 -13.17
C ARG A 151 -1.83 -18.75 -12.42
N LEU A 152 -2.14 -17.66 -13.12
CA LEU A 152 -2.08 -16.34 -12.53
C LEU A 152 -3.12 -16.22 -11.45
N LEU A 153 -4.35 -16.67 -11.72
CA LEU A 153 -5.39 -16.60 -10.69
C LEU A 153 -5.09 -17.58 -9.55
N ALA A 154 -4.39 -18.67 -9.84
CA ALA A 154 -4.06 -19.63 -8.75
C ALA A 154 -3.00 -19.13 -7.79
N ASP A 155 -1.95 -18.49 -8.32
CA ASP A 155 -0.84 -18.03 -7.50
C ASP A 155 -0.14 -16.94 -8.27
N GLY A 156 -0.49 -15.70 -7.96
CA GLY A 156 -0.07 -14.55 -8.74
C GLY A 156 1.43 -14.35 -8.68
N THR A 157 2.01 -14.58 -7.51
CA THR A 157 3.45 -14.44 -7.37
C THR A 157 4.20 -15.37 -8.32
N GLU A 158 3.77 -16.62 -8.31
CA GLU A 158 4.52 -17.61 -9.11
C GLU A 158 4.33 -17.39 -10.64
N ALA A 159 3.12 -17.02 -11.02
CA ALA A 159 2.87 -16.78 -12.46
C ALA A 159 3.69 -15.57 -12.99
N CYS A 160 3.67 -14.53 -12.14
CA CYS A 160 4.42 -13.35 -12.51
C CYS A 160 5.91 -13.67 -12.59
N LYS A 161 6.40 -14.53 -11.70
CA LYS A 161 7.81 -14.92 -11.82
C LYS A 161 8.11 -15.62 -13.14
N GLU A 162 7.12 -16.34 -13.70
CA GLU A 162 7.36 -16.88 -15.06
C GLU A 162 7.77 -15.80 -16.01
N LEU A 163 7.29 -14.58 -15.78
CA LEU A 163 7.76 -13.48 -16.67
CA LEU A 163 7.74 -13.47 -16.65
C LEU A 163 8.94 -12.64 -16.14
N GLY A 164 9.59 -13.10 -15.10
CA GLY A 164 10.69 -12.33 -14.53
C GLY A 164 10.23 -11.10 -13.75
N ILE A 165 8.95 -11.11 -13.33
CA ILE A 165 8.35 -9.99 -12.61
C ILE A 165 8.07 -10.36 -11.18
N GLY A 166 8.53 -9.55 -10.23
CA GLY A 166 8.33 -9.87 -8.83
C GLY A 166 9.22 -8.99 -7.95
N GLY A 167 9.12 -9.20 -6.64
CA GLY A 167 10.00 -8.52 -5.71
C GLY A 167 9.29 -7.71 -4.65
N LEU A 168 9.92 -6.61 -4.26
CA LEU A 168 9.51 -5.76 -3.13
C LEU A 168 8.05 -5.28 -3.21
N GLN A 169 7.30 -5.57 -2.16
CA GLN A 169 5.90 -5.19 -2.01
C GLN A 169 5.01 -5.87 -3.06
N GLY A 170 5.50 -6.97 -3.62
CA GLY A 170 4.64 -7.90 -4.39
C GLY A 170 5.05 -9.33 -4.17
N GLU A 171 5.62 -9.60 -3.00
CA GLU A 171 6.06 -10.93 -2.65
C GLU A 171 4.88 -11.93 -2.64
N ASP A 172 3.70 -11.39 -2.32
CA ASP A 172 2.46 -12.18 -2.25
C ASP A 172 1.37 -11.52 -3.06
N MET A 173 1.26 -11.84 -4.34
CA MET A 173 0.23 -11.23 -5.17
C MET A 173 -0.95 -12.17 -5.38
N MET A 174 -2.15 -11.61 -5.30
CA MET A 174 -3.37 -12.34 -5.64
C MET A 174 -4.09 -11.52 -6.69
N TRP A 175 -4.17 -12.07 -7.87
CA TRP A 175 -4.91 -11.41 -8.97
C TRP A 175 -6.37 -11.84 -8.96
N VAL A 176 -7.26 -10.88 -9.27
CA VAL A 176 -8.70 -11.16 -9.23
C VAL A 176 -9.29 -10.71 -10.57
N GLU A 177 -10.20 -11.52 -11.10
CA GLU A 177 -10.67 -11.44 -12.49
C GLU A 177 -11.98 -10.66 -12.60
N ASN A 178 -11.95 -9.51 -13.27
CA ASN A 178 -13.23 -8.88 -13.67
C ASN A 178 -13.99 -9.70 -14.67
N THR A 179 -15.32 -9.76 -14.53
CA THR A 179 -16.19 -10.54 -15.42
C THR A 179 -17.43 -9.74 -15.70
N ASP A 180 -18.36 -10.30 -16.48
CA ASP A 180 -19.65 -9.64 -16.66
C ASP A 180 -20.48 -9.58 -15.36
N GLU A 181 -20.14 -10.43 -14.40
CA GLU A 181 -20.90 -10.53 -13.16
C GLU A 181 -20.21 -9.83 -11.99
N VAL A 182 -18.91 -9.59 -12.07
CA VAL A 182 -18.17 -9.06 -10.92
CA VAL A 182 -18.22 -9.00 -10.92
C VAL A 182 -17.20 -7.95 -11.33
N HIS A 183 -17.16 -6.88 -10.56
CA HIS A 183 -16.12 -5.87 -10.72
C HIS A 183 -15.29 -5.74 -9.43
N HIS A 184 -13.97 -5.77 -9.54
CA HIS A 184 -13.05 -5.65 -8.38
C HIS A 184 -12.36 -4.31 -8.31
N VAL A 185 -12.17 -3.79 -7.10
CA VAL A 185 -11.37 -2.58 -6.94
CA VAL A 185 -11.39 -2.57 -6.93
C VAL A 185 -10.56 -2.75 -5.67
N VAL A 186 -9.32 -2.23 -5.67
CA VAL A 186 -8.40 -2.45 -4.55
CA VAL A 186 -8.37 -2.45 -4.58
C VAL A 186 -8.05 -1.14 -3.83
N VAL A 187 -7.79 -1.27 -2.53
CA VAL A 187 -7.53 -0.10 -1.70
C VAL A 187 -6.63 -0.55 -0.57
N CYS A 188 -5.89 0.41 0.02
CA CYS A 188 -5.28 0.17 1.32
C CYS A 188 -5.87 1.21 2.29
N THR A 189 -6.91 0.85 3.02
CA THR A 189 -7.52 1.88 3.89
C THR A 189 -6.60 2.30 4.99
N LEU A 190 -5.71 1.41 5.45
CA LEU A 190 -4.89 1.76 6.61
C LEU A 190 -3.64 2.55 6.27
N CSD A 191 -3.26 2.55 5.00
CA CSD A 191 -2.04 3.25 4.59
CB CSD A 191 -0.73 2.70 5.21
SG CSD A 191 -0.52 0.98 4.82
C CSD A 191 -1.89 3.53 3.09
O CSD A 191 -2.28 4.60 2.58
OD1 CSD A 191 0.90 0.80 5.27
OD2 CSD A 191 -1.54 0.26 5.85
N SER A 192 -1.23 2.63 2.39
CA SER A 192 -0.89 2.94 0.99
C SER A 192 -0.45 1.71 0.22
N CYS A 193 -0.56 0.55 0.85
CA CYS A 193 -0.09 -0.70 0.25
C CYS A 193 -0.58 -0.91 -1.19
N TYR A 194 0.35 -1.36 -2.04
CA TYR A 194 0.16 -1.35 -3.49
C TYR A 194 1.18 -2.32 -4.08
N PRO A 195 0.84 -3.01 -5.18
CA PRO A 195 1.74 -4.03 -5.72
C PRO A 195 2.86 -3.46 -6.59
N TRP A 196 3.89 -2.96 -5.92
CA TRP A 196 4.99 -2.30 -6.65
C TRP A 196 5.57 -3.08 -7.83
N PRO A 197 5.73 -4.42 -7.74
CA PRO A 197 6.45 -5.03 -8.85
C PRO A 197 5.73 -4.99 -10.20
N VAL A 198 4.41 -4.84 -10.17
CA VAL A 198 3.66 -4.84 -11.41
C VAL A 198 3.12 -3.46 -11.72
N LEU A 199 3.02 -2.57 -10.73
CA LEU A 199 2.42 -1.24 -11.02
C LEU A 199 3.40 -0.09 -10.75
N GLY A 200 4.57 -0.36 -10.19
CA GLY A 200 5.42 0.73 -9.70
C GLY A 200 4.80 1.35 -8.45
N LEU A 201 5.30 2.51 -8.06
CA LEU A 201 4.78 3.18 -6.85
C LEU A 201 3.38 3.78 -7.14
N PRO A 202 2.52 3.83 -6.11
CA PRO A 202 1.16 4.30 -6.39
C PRO A 202 1.12 5.78 -6.66
N PRO A 203 0.14 6.19 -7.45
CA PRO A 203 -0.12 7.60 -7.66
C PRO A 203 -0.58 8.21 -6.32
N ASN A 204 -0.41 9.53 -6.20
CA ASN A 204 -0.72 10.12 -4.91
C ASN A 204 -2.19 9.99 -4.46
N TRP A 205 -3.14 9.99 -5.40
CA TRP A 205 -4.53 9.90 -4.96
C TRP A 205 -4.84 8.57 -4.28
N PHE A 206 -4.15 7.52 -4.66
CA PHE A 206 -4.42 6.20 -4.08
C PHE A 206 -4.01 6.18 -2.62
N LYS A 207 -2.97 6.95 -2.31
CA LYS A 207 -2.40 6.95 -0.95
C LYS A 207 -3.15 7.95 -0.05
N GLU A 208 -3.95 8.82 -0.66
CA GLU A 208 -4.58 9.90 0.11
C GLU A 208 -5.90 9.49 0.77
N PRO A 209 -6.31 10.24 1.81
CA PRO A 209 -7.43 9.73 2.60
C PRO A 209 -8.78 9.80 1.88
N GLN A 210 -8.91 10.63 0.85
CA GLN A 210 -10.19 10.80 0.18
C GLN A 210 -10.61 9.48 -0.50
N TYR A 211 -9.72 8.93 -1.31
CA TYR A 211 -10.03 7.67 -1.99
C TYR A 211 -10.17 6.53 -0.99
N ARG A 212 -9.20 6.46 -0.09
CA ARG A 212 -9.16 5.36 0.88
C ARG A 212 -10.41 5.29 1.76
N SER A 213 -10.89 6.45 2.20
CA SER A 213 -12.03 6.47 3.11
C SER A 213 -13.29 6.08 2.40
N ARG A 214 -13.44 6.58 1.16
CA ARG A 214 -14.73 6.40 0.51
C ARG A 214 -14.92 5.08 -0.27
N VAL A 215 -13.82 4.50 -0.77
CA VAL A 215 -14.04 3.44 -1.76
C VAL A 215 -14.62 2.18 -1.06
N VAL A 216 -14.33 1.99 0.23
CA VAL A 216 -14.92 0.80 0.90
C VAL A 216 -16.37 0.97 1.25
N ARG A 217 -16.84 2.21 1.24
CA ARG A 217 -18.16 2.58 1.74
C ARG A 217 -19.12 2.89 0.62
N GLU A 218 -18.63 3.58 -0.39
CA GLU A 218 -19.50 3.92 -1.55
C GLU A 218 -18.78 3.67 -2.87
N PRO A 219 -18.40 2.41 -3.13
CA PRO A 219 -17.55 2.27 -4.31
C PRO A 219 -18.28 2.57 -5.61
N ARG A 220 -19.56 2.20 -5.71
CA ARG A 220 -20.25 2.43 -6.99
C ARG A 220 -20.32 3.95 -7.27
N GLN A 221 -20.62 4.72 -6.22
CA GLN A 221 -20.83 6.14 -6.40
C GLN A 221 -19.45 6.75 -6.69
N LEU A 222 -18.41 6.26 -6.01
CA LEU A 222 -17.09 6.80 -6.24
C LEU A 222 -16.59 6.54 -7.67
N LEU A 223 -16.77 5.32 -8.16
CA LEU A 223 -16.31 5.02 -9.51
C LEU A 223 -17.02 5.95 -10.51
N LYS A 224 -18.32 6.17 -10.26
CA LYS A 224 -19.09 7.00 -11.18
C LYS A 224 -18.59 8.45 -11.15
N GLU A 225 -18.52 9.01 -9.94
CA GLU A 225 -18.26 10.44 -9.76
C GLU A 225 -16.83 10.85 -10.05
N GLU A 226 -15.88 10.03 -9.61
CA GLU A 226 -14.49 10.39 -9.77
C GLU A 226 -13.92 9.88 -11.08
N PHE A 227 -14.34 8.68 -11.51
CA PHE A 227 -13.67 8.09 -12.65
C PHE A 227 -14.54 7.93 -13.87
N GLY A 228 -15.77 8.41 -13.78
CA GLY A 228 -16.66 8.39 -14.93
C GLY A 228 -17.02 6.98 -15.35
N PHE A 229 -17.02 6.06 -14.39
CA PHE A 229 -17.14 4.62 -14.65
C PHE A 229 -18.41 4.11 -13.96
N GLU A 230 -19.45 3.85 -14.75
CA GLU A 230 -20.73 3.39 -14.21
C GLU A 230 -20.81 1.86 -14.13
N VAL A 231 -20.87 1.33 -12.92
CA VAL A 231 -21.05 -0.09 -12.74
C VAL A 231 -22.52 -0.29 -12.42
N PRO A 232 -23.29 -0.92 -13.32
CA PRO A 232 -24.74 -1.09 -13.13
C PRO A 232 -25.05 -1.73 -11.77
N PRO A 233 -26.13 -1.29 -11.10
CA PRO A 233 -26.40 -1.71 -9.71
C PRO A 233 -26.54 -3.22 -9.54
N SER A 234 -26.92 -3.92 -10.61
CA SER A 234 -27.12 -5.35 -10.54
C SER A 234 -25.77 -6.10 -10.59
N LYS A 235 -24.69 -5.40 -10.93
CA LYS A 235 -23.39 -6.04 -11.02
C LYS A 235 -22.67 -5.95 -9.68
N GLU A 236 -22.12 -7.05 -9.20
CA GLU A 236 -21.46 -7.02 -7.89
C GLU A 236 -20.15 -6.28 -7.93
N ILE A 237 -19.91 -5.45 -6.92
CA ILE A 237 -18.61 -4.83 -6.72
C ILE A 237 -17.94 -5.42 -5.49
N LYS A 238 -16.71 -5.85 -5.64
CA LYS A 238 -15.90 -6.41 -4.58
C LYS A 238 -14.74 -5.44 -4.36
N VAL A 239 -14.63 -4.90 -3.13
CA VAL A 239 -13.51 -4.01 -2.76
C VAL A 239 -12.56 -4.79 -1.90
N TRP A 240 -11.29 -4.84 -2.33
CA TRP A 240 -10.25 -5.61 -1.64
C TRP A 240 -9.40 -4.66 -0.84
N ASP A 241 -9.50 -4.77 0.49
CA ASP A 241 -8.69 -3.90 1.39
C ASP A 241 -7.42 -4.62 1.83
N SER A 242 -6.28 -4.06 1.44
CA SER A 242 -4.99 -4.72 1.63
CA SER A 242 -5.00 -4.71 1.63
C SER A 242 -4.45 -4.52 3.02
N SER A 243 -5.05 -5.21 3.98
CA SER A 243 -4.63 -5.07 5.36
C SER A 243 -3.41 -5.91 5.73
N SER A 244 -3.05 -6.85 4.87
CA SER A 244 -1.93 -7.76 5.15
C SER A 244 -0.88 -7.57 4.07
N GLU A 245 0.09 -8.48 3.99
CA GLU A 245 1.05 -8.35 2.90
C GLU A 245 0.60 -9.00 1.61
N MET A 246 -0.62 -9.55 1.58
CA MET A 246 -1.20 -9.97 0.34
C MET A 246 -1.47 -8.74 -0.49
N ARG A 247 -1.07 -8.77 -1.75
CA ARG A 247 -1.26 -7.61 -2.59
C ARG A 247 -2.25 -7.98 -3.68
N PHE A 248 -3.37 -7.28 -3.76
CA PHE A 248 -4.41 -7.61 -4.73
C PHE A 248 -4.23 -6.80 -6.01
N VAL A 249 -4.40 -7.47 -7.16
CA VAL A 249 -4.25 -6.81 -8.46
C VAL A 249 -5.44 -7.22 -9.32
N VAL A 250 -6.04 -6.26 -10.03
CA VAL A 250 -7.18 -6.57 -10.87
C VAL A 250 -6.76 -6.96 -12.29
N LEU A 251 -7.29 -8.10 -12.74
CA LEU A 251 -7.18 -8.50 -14.14
C LEU A 251 -8.43 -7.95 -14.87
N PRO A 252 -8.26 -6.85 -15.60
CA PRO A 252 -9.47 -6.28 -16.26
C PRO A 252 -9.93 -7.16 -17.41
N GLN A 253 -11.21 -7.05 -17.76
CA GLN A 253 -11.72 -7.79 -18.89
C GLN A 253 -11.14 -7.27 -20.19
N ARG A 254 -10.99 -8.17 -21.15
CA ARG A 254 -10.45 -7.78 -22.44
C ARG A 254 -11.50 -7.00 -23.23
N PRO A 255 -11.15 -5.78 -23.69
CA PRO A 255 -12.15 -5.00 -24.43
C PRO A 255 -12.61 -5.71 -25.69
N ALA A 256 -13.88 -5.49 -26.05
CA ALA A 256 -14.44 -6.02 -27.28
C ALA A 256 -13.74 -5.35 -28.47
N GLY A 257 -13.80 -6.00 -29.62
CA GLY A 257 -13.17 -5.47 -30.82
C GLY A 257 -11.68 -5.71 -30.94
N THR A 258 -11.14 -6.63 -30.14
CA THR A 258 -9.68 -6.85 -30.13
C THR A 258 -9.32 -8.28 -30.52
N ASP A 259 -10.23 -9.00 -31.19
CA ASP A 259 -9.90 -10.38 -31.50
C ASP A 259 -8.65 -10.48 -32.35
N GLY A 260 -7.76 -11.38 -31.95
CA GLY A 260 -6.53 -11.68 -32.69
C GLY A 260 -5.50 -10.56 -32.69
N TRP A 261 -5.68 -9.53 -31.87
CA TRP A 261 -4.67 -8.50 -31.75
C TRP A 261 -3.36 -9.09 -31.20
N SER A 262 -2.23 -8.46 -31.51
CA SER A 262 -0.97 -8.88 -30.89
C SER A 262 -0.90 -8.49 -29.43
N GLU A 263 -0.01 -9.15 -28.68
CA GLU A 263 0.23 -8.75 -27.30
C GLU A 263 0.59 -7.27 -27.21
N GLU A 264 1.38 -6.75 -28.16
CA GLU A 264 1.79 -5.33 -28.09
C GLU A 264 0.60 -4.34 -28.21
N GLU A 265 -0.29 -4.66 -29.17
CA GLU A 265 -1.49 -3.82 -29.39
C GLU A 265 -2.38 -3.84 -28.11
N LEU A 266 -2.54 -5.10 -27.65
CA LEU A 266 -3.38 -5.28 -26.47
C LEU A 266 -2.83 -4.51 -25.28
N ALA A 267 -1.52 -4.45 -25.14
CA ALA A 267 -0.93 -3.78 -23.99
C ALA A 267 -1.23 -2.29 -24.06
N THR A 268 -1.35 -1.75 -25.28
CA THR A 268 -1.76 -0.32 -25.32
C THR A 268 -3.10 -0.05 -24.65
N LEU A 269 -3.94 -1.09 -24.56
CA LEU A 269 -5.21 -0.86 -23.76
C LEU A 269 -5.18 -0.96 -22.21
N VAL A 270 -4.09 -1.48 -21.68
CA VAL A 270 -4.00 -1.77 -20.24
C VAL A 270 -3.36 -0.59 -19.52
N THR A 271 -4.05 -0.10 -18.50
CA THR A 271 -3.61 1.05 -17.74
C THR A 271 -3.39 0.69 -16.26
N ARG A 272 -2.60 1.46 -15.52
CA ARG A 272 -2.58 1.17 -14.06
C ARG A 272 -3.99 1.25 -13.45
N GLU A 273 -4.81 2.20 -13.92
CA GLU A 273 -6.14 2.34 -13.34
C GLU A 273 -6.96 1.07 -13.52
N SER A 274 -6.77 0.40 -14.66
CA SER A 274 -7.53 -0.81 -14.94
C SER A 274 -7.06 -1.97 -14.06
N MET A 275 -5.83 -1.88 -13.57
CA MET A 275 -5.31 -2.94 -12.68
C MET A 275 -5.55 -2.59 -11.18
N ILE A 276 -5.95 -1.36 -10.90
CA ILE A 276 -6.48 -0.98 -9.55
C ILE A 276 -7.99 -1.29 -9.49
N GLY A 277 -8.66 -1.20 -10.65
CA GLY A 277 -10.09 -1.42 -10.69
C GLY A 277 -10.92 -0.14 -10.74
N VAL A 278 -10.27 1.02 -10.84
CA VAL A 278 -11.03 2.28 -10.87
C VAL A 278 -11.49 2.69 -12.28
N GLU A 279 -10.96 2.02 -13.29
CA GLU A 279 -11.41 2.18 -14.68
C GLU A 279 -11.38 0.81 -15.33
N PRO A 280 -12.15 0.60 -16.39
CA PRO A 280 -11.96 -0.58 -17.23
C PRO A 280 -10.71 -0.40 -18.08
N ALA A 281 -10.29 -1.46 -18.77
CA ALA A 281 -9.23 -1.29 -19.78
C ALA A 281 -9.75 -0.40 -20.90
N LYS A 282 -8.86 0.22 -21.67
CA LYS A 282 -9.33 1.18 -22.69
C LYS A 282 -10.16 0.52 -23.81
N ALA A 283 -11.26 1.15 -24.18
CA ALA A 283 -12.08 0.70 -25.29
C ALA A 283 -11.43 1.00 -26.63
N VAL A 284 -11.95 0.26 -27.61
CA VAL A 284 -11.90 0.41 -29.09
C VAL A 284 -10.63 -0.27 -29.56
N MET B 1 -4.95 1.77 19.20
CA MET B 1 -4.47 2.07 17.86
C MET B 1 -5.62 2.50 16.99
N ASN B 2 -6.53 3.21 17.66
CA ASN B 2 -7.69 3.79 17.02
C ASN B 2 -7.39 5.15 16.40
N GLY B 3 -6.33 5.26 15.64
CA GLY B 3 -5.93 6.54 15.09
C GLY B 3 -6.74 6.98 13.88
N VAL B 4 -6.61 8.26 13.54
CA VAL B 4 -7.34 8.84 12.42
C VAL B 4 -6.91 8.24 11.08
N TYR B 5 -5.67 7.74 11.02
CA TYR B 5 -5.15 7.11 9.81
C TYR B 5 -6.05 5.96 9.33
N ASP B 6 -6.78 5.34 10.27
CA ASP B 6 -7.66 4.20 9.95
C ASP B 6 -8.92 4.83 9.37
N VAL B 7 -8.87 5.15 8.07
CA VAL B 7 -9.86 6.05 7.49
C VAL B 7 -11.01 5.34 6.78
N GLY B 8 -10.97 4.00 6.69
CA GLY B 8 -12.00 3.33 5.93
C GLY B 8 -13.35 3.60 6.54
N GLY B 9 -14.26 4.11 5.72
CA GLY B 9 -15.57 4.50 6.19
C GLY B 9 -15.74 5.89 6.74
N THR B 10 -14.63 6.63 6.91
CA THR B 10 -14.75 8.02 7.37
C THR B 10 -15.39 8.88 6.27
N ASP B 11 -16.32 9.74 6.67
CA ASP B 11 -16.98 10.70 5.77
C ASP B 11 -16.36 12.09 5.95
N GLY B 12 -16.54 12.95 4.93
CA GLY B 12 -16.17 14.36 5.03
C GLY B 12 -14.73 14.73 4.73
N LEU B 13 -13.99 13.79 4.18
CA LEU B 13 -12.57 14.03 3.90
CA LEU B 13 -12.56 14.05 3.91
C LEU B 13 -12.36 14.81 2.60
N GLY B 14 -13.42 14.93 1.80
CA GLY B 14 -13.36 15.78 0.60
C GLY B 14 -13.25 15.01 -0.69
N PRO B 15 -13.31 15.73 -1.84
CA PRO B 15 -13.12 15.10 -3.14
C PRO B 15 -11.67 14.67 -3.36
N ILE B 16 -11.56 13.66 -4.21
CA ILE B 16 -10.25 13.17 -4.60
C ILE B 16 -9.52 14.25 -5.43
N ASN B 17 -8.25 14.43 -5.14
CA ASN B 17 -7.35 15.29 -5.89
CA ASN B 17 -7.38 15.28 -5.94
C ASN B 17 -6.53 14.42 -6.84
N ARG B 18 -6.87 14.43 -8.12
CA ARG B 18 -6.20 13.53 -9.07
C ARG B 18 -5.85 14.30 -10.30
N PRO B 19 -4.63 14.83 -10.32
CA PRO B 19 -4.20 15.53 -11.53
C PRO B 19 -4.11 14.57 -12.73
N ALA B 20 -4.20 15.14 -13.92
CA ALA B 20 -4.24 14.34 -15.16
C ALA B 20 -2.99 13.50 -15.30
N ASP B 21 -1.87 14.03 -14.80
CA ASP B 21 -0.64 13.26 -14.73
C ASP B 21 0.21 13.81 -13.57
N GLU B 22 1.29 13.13 -13.26
CA GLU B 22 2.13 13.45 -12.12
C GLU B 22 3.40 12.67 -12.25
N PRO B 23 4.50 13.23 -11.71
CA PRO B 23 5.76 12.49 -11.75
C PRO B 23 5.80 11.51 -10.60
N VAL B 24 6.68 10.50 -10.65
CA VAL B 24 6.84 9.58 -9.55
C VAL B 24 7.30 10.34 -8.32
N PHE B 25 8.27 11.23 -8.52
CA PHE B 25 8.77 12.05 -7.42
C PHE B 25 8.59 13.49 -7.74
N ARG B 26 7.97 14.23 -6.80
CA ARG B 26 7.59 15.59 -7.09
C ARG B 26 8.68 16.58 -6.72
N ALA B 27 9.69 16.11 -6.00
CA ALA B 27 10.80 16.97 -5.57
C ALA B 27 11.94 16.09 -5.12
N GLU B 28 13.15 16.64 -5.09
CA GLU B 28 14.31 15.81 -4.77
C GLU B 28 14.21 15.24 -3.33
N TRP B 29 13.58 16.01 -2.42
CA TRP B 29 13.51 15.50 -1.04
C TRP B 29 12.67 14.23 -0.96
N GLU B 30 11.76 14.04 -1.91
CA GLU B 30 10.95 12.83 -1.90
C GLU B 30 11.79 11.61 -2.26
N LYS B 31 12.74 11.77 -3.19
CA LYS B 31 13.64 10.70 -3.53
C LYS B 31 14.47 10.33 -2.32
N VAL B 32 14.93 11.34 -1.59
CA VAL B 32 15.66 11.01 -0.37
C VAL B 32 14.80 10.27 0.65
N ALA B 33 13.61 10.78 0.95
CA ALA B 33 12.72 10.09 1.90
C ALA B 33 12.44 8.60 1.54
N PHE B 34 12.22 8.43 0.22
CA PHE B 34 11.94 7.12 -0.30
C PHE B 34 13.17 6.20 -0.07
N ALA B 35 14.37 6.67 -0.45
CA ALA B 35 15.56 5.79 -0.32
C ALA B 35 15.93 5.56 1.13
N MET B 36 15.49 6.45 2.01
CA MET B 36 15.74 6.23 3.44
C MET B 36 15.02 4.99 3.94
N PHE B 37 13.97 4.54 3.22
CA PHE B 37 13.34 3.28 3.73
C PHE B 37 14.31 2.04 3.77
N PRO B 38 14.90 1.62 2.62
CA PRO B 38 15.85 0.49 2.75
C PRO B 38 17.04 0.87 3.65
N ALA B 39 17.49 2.13 3.66
CA ALA B 39 18.64 2.51 4.52
C ALA B 39 18.39 2.28 6.01
N THR B 40 17.24 2.76 6.51
CA THR B 40 16.93 2.62 7.94
C THR B 40 16.48 1.19 8.26
N PHE B 41 15.86 0.49 7.30
CA PHE B 41 15.53 -0.92 7.51
C PHE B 41 16.83 -1.74 7.70
N ARG B 42 17.79 -1.54 6.81
CA ARG B 42 19.04 -2.32 6.89
C ARG B 42 19.75 -2.03 8.19
N ALA B 43 19.70 -0.77 8.61
CA ALA B 43 20.40 -0.31 9.81
C ALA B 43 19.63 -0.64 11.09
N GLY B 44 18.48 -1.32 11.00
CA GLY B 44 17.82 -1.81 12.19
C GLY B 44 16.98 -0.78 12.93
N PHE B 45 16.62 0.30 12.26
CA PHE B 45 15.71 1.29 12.90
C PHE B 45 14.35 0.67 13.19
N MET B 46 13.88 -0.17 12.26
CA MET B 46 12.52 -0.69 12.31
CA MET B 46 12.51 -0.66 12.28
C MET B 46 12.34 -1.73 11.21
N GLY B 47 11.38 -2.63 11.43
CA GLY B 47 10.90 -3.47 10.37
C GLY B 47 9.62 -2.86 9.83
N LEU B 48 8.95 -3.56 8.89
CA LEU B 48 7.86 -2.94 8.14
C LEU B 48 6.67 -2.58 9.04
N ASP B 49 6.33 -3.51 9.93
CA ASP B 49 5.17 -3.29 10.82
C ASP B 49 5.42 -2.12 11.77
N GLU B 50 6.66 -2.07 12.30
CA GLU B 50 7.07 -0.91 13.13
C GLU B 50 7.05 0.42 12.35
N PHE B 51 7.53 0.38 11.10
CA PHE B 51 7.47 1.54 10.21
C PHE B 51 6.03 2.12 10.17
N ARG B 52 5.11 1.21 9.91
CA ARG B 52 3.68 1.66 9.85
C ARG B 52 3.22 2.27 11.18
N PHE B 53 3.59 1.60 12.28
CA PHE B 53 3.12 2.12 13.59
C PHE B 53 3.65 3.54 13.89
N GLY B 54 4.89 3.80 13.45
CA GLY B 54 5.45 5.16 13.57
C GLY B 54 4.58 6.19 12.86
N ILE B 55 4.19 5.87 11.63
CA ILE B 55 3.27 6.80 10.92
C ILE B 55 1.92 6.97 11.63
N GLU B 56 1.44 5.88 12.22
CA GLU B 56 0.14 5.89 12.91
C GLU B 56 0.17 6.79 14.14
N GLN B 57 1.37 7.09 14.65
CA GLN B 57 1.46 7.95 15.84
C GLN B 57 1.65 9.47 15.54
N MET B 58 1.58 9.83 14.26
CA MET B 58 1.67 11.24 13.87
C MET B 58 0.53 12.08 14.46
N ASN B 59 0.77 13.40 14.53
CA ASN B 59 -0.33 14.34 14.75
C ASN B 59 -1.32 14.10 13.62
N PRO B 60 -2.62 13.85 13.93
CA PRO B 60 -3.49 13.41 12.83
C PRO B 60 -3.79 14.54 11.87
N ALA B 61 -3.81 15.80 12.31
CA ALA B 61 -4.05 16.88 11.34
C ALA B 61 -2.87 17.02 10.35
N GLU B 62 -1.66 16.83 10.90
CA GLU B 62 -0.47 16.80 10.04
C GLU B 62 -0.53 15.62 9.06
N TYR B 63 -0.94 14.44 9.54
CA TYR B 63 -1.05 13.27 8.70
C TYR B 63 -2.03 13.52 7.54
N LEU B 64 -3.20 14.07 7.88
CA LEU B 64 -4.25 14.24 6.87
C LEU B 64 -3.85 15.17 5.75
N GLU B 65 -3.02 16.19 6.02
CA GLU B 65 -2.74 17.14 4.94
C GLU B 65 -1.30 17.28 4.48
N SER B 66 -0.38 16.48 5.03
CA SER B 66 1.02 16.63 4.61
C SER B 66 1.33 15.74 3.41
N PRO B 67 2.36 16.11 2.64
CA PRO B 67 2.79 15.24 1.52
C PRO B 67 3.09 13.85 2.06
N TYR B 68 2.73 12.83 1.29
CA TYR B 68 2.91 11.46 1.73
C TYR B 68 4.29 11.10 2.30
N TYR B 69 5.34 11.52 1.54
CA TYR B 69 6.67 11.06 1.98
C TYR B 69 7.09 11.75 3.27
N TRP B 70 6.41 12.85 3.63
CA TRP B 70 6.63 13.43 4.97
C TRP B 70 6.28 12.41 6.09
N HIS B 71 5.25 11.57 5.86
CA HIS B 71 4.90 10.55 6.84
C HIS B 71 6.10 9.66 7.04
N TRP B 72 6.72 9.38 5.89
CA TRP B 72 7.92 8.48 6.06
C TRP B 72 9.03 9.11 6.92
N ILE B 73 9.30 10.38 6.65
CA ILE B 73 10.26 11.12 7.49
C ILE B 73 9.91 11.06 8.99
N ARG B 74 8.61 11.23 9.31
CA ARG B 74 8.22 11.20 10.71
C ARG B 74 8.51 9.85 11.33
N THR B 75 8.27 8.79 10.57
CA THR B 75 8.51 7.48 11.20
C THR B 75 10.01 7.17 11.33
N TYR B 76 10.83 7.67 10.40
CA TYR B 76 12.27 7.49 10.61
C TYR B 76 12.73 8.20 11.86
N ILE B 77 12.25 9.42 12.08
CA ILE B 77 12.70 10.16 13.24
C ILE B 77 12.19 9.48 14.53
N HIS B 78 10.94 9.03 14.47
CA HIS B 78 10.33 8.32 15.61
C HIS B 78 11.19 7.14 16.02
N HIS B 79 11.58 6.32 15.06
CA HIS B 79 12.34 5.14 15.42
C HIS B 79 13.81 5.45 15.67
N GLY B 80 14.37 6.48 15.01
CA GLY B 80 15.71 6.90 15.33
C GLY B 80 15.83 7.35 16.78
N VAL B 81 14.85 8.09 17.24
CA VAL B 81 14.84 8.51 18.67
C VAL B 81 14.57 7.31 19.59
N ARG B 82 13.61 6.47 19.23
CA ARG B 82 13.28 5.29 20.04
C ARG B 82 14.49 4.37 20.29
N THR B 83 15.32 4.21 19.28
CA THR B 83 16.48 3.31 19.34
C THR B 83 17.76 4.04 19.77
N GLY B 84 17.67 5.35 19.97
CA GLY B 84 18.85 6.11 20.36
C GLY B 84 19.85 6.36 19.25
N LYS B 85 19.46 6.11 18.00
CA LYS B 85 20.33 6.36 16.86
C LYS B 85 20.26 7.80 16.34
N ILE B 86 19.22 8.54 16.71
CA ILE B 86 19.08 9.95 16.28
C ILE B 86 18.96 10.81 17.52
N ASP B 87 19.86 11.78 17.65
CA ASP B 87 19.78 12.77 18.73
C ASP B 87 18.88 13.92 18.30
N LEU B 88 17.79 14.14 19.02
CA LEU B 88 16.80 15.14 18.62
C LEU B 88 17.38 16.53 18.59
N GLU B 89 18.22 16.83 19.56
CA GLU B 89 18.77 18.19 19.67
C GLU B 89 19.67 18.53 18.51
N GLU B 90 20.45 17.53 18.10
CA GLU B 90 21.34 17.67 16.95
C GLU B 90 20.53 17.78 15.69
N LEU B 91 19.43 17.03 15.59
CA LEU B 91 18.60 17.11 14.40
C LEU B 91 17.98 18.49 14.28
N GLU B 92 17.57 19.05 15.42
CA GLU B 92 16.95 20.39 15.41
C GLU B 92 17.94 21.45 14.97
N ARG B 93 19.15 21.37 15.56
CA ARG B 93 20.20 22.30 15.17
C ARG B 93 20.51 22.19 13.64
N ARG B 94 20.60 20.96 13.12
CA ARG B 94 20.91 20.81 11.70
C ARG B 94 19.78 21.28 10.80
N THR B 95 18.56 21.17 11.31
CA THR B 95 17.40 21.63 10.55
C THR B 95 17.49 23.14 10.39
N GLN B 96 17.76 23.84 11.50
CA GLN B 96 17.91 25.29 11.38
C GLN B 96 19.11 25.67 10.47
N TYR B 97 20.19 24.88 10.55
CA TYR B 97 21.34 25.20 9.72
C TYR B 97 20.96 25.10 8.23
N TYR B 98 20.19 24.08 7.87
CA TYR B 98 19.87 23.91 6.44
C TYR B 98 18.70 24.79 6.02
N ARG B 99 17.93 25.30 6.99
CA ARG B 99 16.98 26.40 6.72
C ARG B 99 17.75 27.61 6.25
N GLU B 100 18.81 27.94 7.00
CA GLU B 100 19.55 29.17 6.75
C GLU B 100 20.51 29.04 5.57
N ASN B 101 20.98 27.80 5.32
CA ASN B 101 22.00 27.52 4.31
C ASN B 101 21.53 26.36 3.44
N PRO B 102 20.49 26.57 2.63
CA PRO B 102 19.89 25.44 1.93
C PRO B 102 20.82 24.81 0.90
N ASP B 103 21.83 25.53 0.41
CA ASP B 103 22.72 24.98 -0.62
C ASP B 103 24.05 24.51 -0.01
N ALA B 104 24.10 24.48 1.31
CA ALA B 104 25.26 23.90 2.00
C ALA B 104 25.44 22.42 1.64
N PRO B 105 26.70 21.93 1.58
CA PRO B 105 26.91 20.53 1.14
C PRO B 105 26.41 19.50 2.14
N LEU B 106 26.16 18.30 1.63
CA LEU B 106 26.00 17.15 2.51
C LEU B 106 27.37 16.75 3.05
N PRO B 107 27.39 16.03 4.17
CA PRO B 107 28.67 15.59 4.73
C PRO B 107 29.45 14.71 3.79
N GLU B 108 30.76 14.84 3.85
CA GLU B 108 31.62 13.97 3.03
CA GLU B 108 31.64 13.96 3.07
C GLU B 108 31.42 12.53 3.49
N HIS B 109 31.35 11.63 2.51
CA HIS B 109 31.16 10.23 2.82
C HIS B 109 31.67 9.34 1.70
N GLU B 110 31.89 8.08 2.03
CA GLU B 110 32.31 7.07 1.07
C GLU B 110 31.09 6.38 0.47
N GLN B 111 31.14 6.04 -0.83
CA GLN B 111 30.08 5.21 -1.36
C GLN B 111 30.32 3.76 -0.95
N LYS B 112 29.25 2.96 -0.88
CA LYS B 112 29.35 1.59 -0.38
C LYS B 112 28.69 0.64 -1.34
N PRO B 113 29.47 -0.22 -1.98
CA PRO B 113 28.86 -1.20 -2.88
C PRO B 113 27.79 -2.04 -2.18
N GLU B 114 27.97 -2.32 -0.89
CA GLU B 114 27.04 -3.25 -0.25
C GLU B 114 25.66 -2.63 -0.14
N LEU B 115 25.56 -1.31 -0.19
CA LEU B 115 24.24 -0.68 -0.07
C LEU B 115 23.49 -0.75 -1.39
N ILE B 116 24.25 -0.70 -2.47
CA ILE B 116 23.65 -0.87 -3.80
C ILE B 116 23.18 -2.31 -3.93
N GLU B 117 24.01 -3.26 -3.49
CA GLU B 117 23.64 -4.66 -3.56
C GLU B 117 22.39 -4.90 -2.72
N PHE B 118 22.33 -4.27 -1.53
CA PHE B 118 21.14 -4.41 -0.70
C PHE B 118 19.91 -3.90 -1.43
N VAL B 119 20.00 -2.72 -2.05
CA VAL B 119 18.84 -2.17 -2.76
C VAL B 119 18.39 -3.12 -3.88
N ASN B 120 19.34 -3.61 -4.68
CA ASN B 120 18.92 -4.47 -5.80
C ASN B 120 18.30 -5.75 -5.33
N GLN B 121 18.87 -6.32 -4.27
CA GLN B 121 18.37 -7.59 -3.76
C GLN B 121 16.98 -7.38 -3.13
N ALA B 122 16.78 -6.31 -2.36
CA ALA B 122 15.44 -6.06 -1.80
C ALA B 122 14.40 -5.84 -2.89
N VAL B 123 14.75 -5.01 -3.86
CA VAL B 123 13.77 -4.69 -4.92
C VAL B 123 13.39 -5.90 -5.75
N TYR B 124 14.39 -6.67 -6.21
CA TYR B 124 14.02 -7.71 -7.14
C TYR B 124 13.81 -9.05 -6.43
N GLY B 125 14.35 -9.24 -5.23
CA GLY B 125 14.12 -10.49 -4.49
C GLY B 125 12.98 -10.40 -3.47
N GLY B 126 12.69 -9.19 -3.02
CA GLY B 126 11.64 -8.97 -2.07
C GLY B 126 12.00 -9.18 -0.60
N LEU B 127 11.08 -8.88 0.29
CA LEU B 127 11.25 -9.10 1.73
CA LEU B 127 11.24 -9.13 1.72
C LEU B 127 10.07 -9.97 2.21
N PRO B 128 10.00 -11.22 1.74
CA PRO B 128 8.81 -12.01 2.05
C PRO B 128 8.53 -12.20 3.53
N ALA B 129 7.25 -12.05 3.86
CA ALA B 129 6.78 -12.10 5.24
C ALA B 129 6.09 -13.44 5.53
N SER B 130 5.99 -14.33 4.53
CA SER B 130 5.42 -15.68 4.80
C SER B 130 6.34 -16.54 5.67
N ARG B 131 5.75 -17.30 6.59
CA ARG B 131 6.55 -18.13 7.50
C ARG B 131 5.89 -19.47 7.67
N GLU B 132 6.68 -20.48 8.05
CA GLU B 132 6.14 -21.79 8.40
CA GLU B 132 6.06 -21.76 8.38
C GLU B 132 5.85 -21.82 9.90
N VAL B 133 4.72 -22.41 10.31
CA VAL B 133 4.44 -22.56 11.74
C VAL B 133 4.08 -24.01 12.05
N ASP B 134 4.05 -24.36 13.34
CA ASP B 134 3.78 -25.77 13.67
C ASP B 134 2.30 -26.15 13.76
N ARG B 135 1.40 -25.21 14.02
CA ARG B 135 -0.03 -25.50 14.06
C ARG B 135 -0.70 -25.44 12.65
N PRO B 136 -1.73 -26.26 12.40
CA PRO B 136 -2.48 -26.14 11.15
C PRO B 136 -3.43 -24.96 11.26
N PRO B 137 -4.04 -24.54 10.16
CA PRO B 137 -5.01 -23.44 10.29
C PRO B 137 -6.24 -23.84 11.09
N LYS B 138 -6.73 -22.91 11.91
CA LYS B 138 -7.94 -23.13 12.69
C LYS B 138 -9.18 -23.04 11.81
N PHE B 139 -9.11 -22.26 10.73
CA PHE B 139 -10.31 -21.96 9.91
C PHE B 139 -10.10 -22.39 8.46
N LYS B 140 -11.21 -22.47 7.72
CA LYS B 140 -11.19 -22.91 6.33
C LYS B 140 -12.24 -22.17 5.52
N GLU B 141 -12.09 -22.23 4.19
CA GLU B 141 -13.03 -21.59 3.29
C GLU B 141 -14.47 -21.95 3.65
N GLY B 142 -15.33 -20.94 3.74
CA GLY B 142 -16.74 -21.17 4.01
C GLY B 142 -17.13 -20.97 5.46
N ASP B 143 -16.16 -20.95 6.36
CA ASP B 143 -16.44 -20.69 7.77
C ASP B 143 -16.97 -19.28 8.00
N VAL B 144 -18.02 -19.20 8.80
CA VAL B 144 -18.57 -17.89 9.12
C VAL B 144 -17.96 -17.49 10.45
N VAL B 145 -17.29 -16.32 10.44
CA VAL B 145 -16.54 -15.84 11.59
C VAL B 145 -16.88 -14.45 11.98
N ARG B 146 -16.62 -14.15 13.23
CA ARG B 146 -16.75 -12.77 13.77
CA ARG B 146 -16.75 -12.76 13.74
C ARG B 146 -15.40 -12.18 14.04
N PHE B 147 -15.18 -10.90 13.61
CA PHE B 147 -13.94 -10.14 13.87
C PHE B 147 -13.96 -9.56 15.26
N SER B 148 -12.80 -9.63 15.92
CA SER B 148 -12.62 -9.18 17.29
C SER B 148 -13.04 -7.73 17.53
N THR B 149 -13.54 -7.47 18.74
CA THR B 149 -13.77 -6.08 19.16
C THR B 149 -12.63 -5.54 20.00
N ALA B 150 -11.52 -6.27 20.11
CA ALA B 150 -10.38 -5.72 20.85
C ALA B 150 -9.91 -4.41 20.21
N SER B 151 -9.27 -3.57 21.03
CA SER B 151 -8.91 -2.21 20.59
C SER B 151 -7.54 -1.85 21.16
N PRO B 152 -6.54 -2.61 20.72
CA PRO B 152 -5.21 -2.40 21.30
C PRO B 152 -4.69 -0.98 21.06
N LYS B 153 -3.92 -0.47 22.01
CA LYS B 153 -3.31 0.86 21.83
C LYS B 153 -2.13 0.77 20.86
N GLY B 154 -1.43 -0.35 20.91
CA GLY B 154 -0.27 -0.57 20.04
C GLY B 154 -0.66 -0.93 18.62
N HIS B 155 0.34 -1.22 17.80
CA HIS B 155 0.07 -1.52 16.38
C HIS B 155 -0.77 -2.79 16.20
N ALA B 156 -1.72 -2.72 15.25
CA ALA B 156 -2.44 -3.89 14.76
C ALA B 156 -3.00 -3.54 13.38
N ARG B 157 -3.64 -4.52 12.74
CA ARG B 157 -4.30 -4.27 11.46
C ARG B 157 -5.80 -4.58 11.62
N ARG B 158 -6.40 -3.82 12.55
CA ARG B 158 -7.81 -4.03 12.96
C ARG B 158 -8.65 -2.79 12.63
N ALA B 159 -8.92 -2.58 11.35
CA ALA B 159 -9.68 -1.36 10.98
C ALA B 159 -10.97 -1.26 11.77
N ARG B 160 -11.27 -0.06 12.26
CA ARG B 160 -12.48 0.06 13.07
C ARG B 160 -13.74 -0.42 12.30
N TYR B 161 -13.80 -0.24 10.97
CA TYR B 161 -15.05 -0.55 10.28
C TYR B 161 -15.35 -2.03 10.20
N VAL B 162 -14.38 -2.91 10.49
CA VAL B 162 -14.68 -4.36 10.48
C VAL B 162 -14.81 -4.97 11.88
N ARG B 163 -14.51 -4.19 12.91
CA ARG B 163 -14.53 -4.77 14.27
C ARG B 163 -15.91 -5.20 14.66
N GLY B 164 -15.98 -6.43 15.19
CA GLY B 164 -17.25 -7.03 15.62
C GLY B 164 -18.18 -7.47 14.50
N LYS B 165 -17.72 -7.37 13.26
CA LYS B 165 -18.58 -7.73 12.15
CA LYS B 165 -18.53 -7.73 12.10
C LYS B 165 -18.39 -9.20 11.78
N THR B 166 -19.38 -9.78 11.13
CA THR B 166 -19.27 -11.23 11.00
C THR B 166 -18.25 -11.61 9.87
N GLY B 167 -18.71 -12.12 8.74
CA GLY B 167 -17.98 -12.42 7.52
C GLY B 167 -17.71 -13.90 7.21
N THR B 168 -17.35 -14.20 5.95
CA THR B 168 -17.14 -15.59 5.55
C THR B 168 -15.69 -15.73 5.11
N VAL B 169 -15.04 -16.79 5.57
CA VAL B 169 -13.67 -17.03 5.15
C VAL B 169 -13.66 -17.41 3.67
N VAL B 170 -12.84 -16.64 2.97
CA VAL B 170 -12.52 -16.68 1.58
C VAL B 170 -10.95 -16.64 1.67
N LYS B 171 -10.41 -17.81 1.76
CA LYS B 171 -9.03 -18.20 1.43
C LYS B 171 -8.16 -18.16 2.62
N HIS B 172 -7.37 -19.23 2.78
CA HIS B 172 -6.34 -19.24 3.87
C HIS B 172 -4.82 -18.79 3.68
N HIS B 173 -4.38 -18.25 2.61
CA HIS B 173 -2.95 -17.93 2.46
C HIS B 173 -1.77 -18.57 3.19
N GLY B 174 -1.96 -19.15 4.40
CA GLY B 174 -0.75 -19.68 5.08
C GLY B 174 -0.37 -18.71 6.18
N ALA B 175 0.76 -18.92 6.89
CA ALA B 175 1.08 -18.01 8.00
C ALA B 175 2.10 -16.94 7.60
N TYR B 176 2.00 -15.79 8.31
CA TYR B 176 2.77 -14.57 8.06
C TYR B 176 3.14 -13.90 9.34
N ILE B 177 4.19 -13.06 9.27
CA ILE B 177 4.50 -12.13 10.36
C ILE B 177 3.18 -11.53 10.92
N TYR B 178 3.09 -11.51 12.23
CA TYR B 178 1.89 -11.00 12.93
C TYR B 178 2.11 -9.55 13.33
N PRO B 179 1.32 -8.63 12.81
CA PRO B 179 1.60 -7.21 13.09
C PRO B 179 1.49 -6.86 14.59
N ASP B 180 0.58 -7.49 15.32
CA ASP B 180 0.34 -7.01 16.68
C ASP B 180 1.71 -7.13 17.45
N THR B 181 2.34 -8.28 17.21
CA THR B 181 3.64 -8.40 17.87
C THR B 181 4.73 -7.63 17.13
N ALA B 182 4.84 -7.82 15.82
CA ALA B 182 5.99 -7.24 15.10
C ALA B 182 6.05 -5.72 15.18
N GLY B 183 4.90 -5.08 15.02
CA GLY B 183 4.86 -3.62 14.99
C GLY B 183 5.07 -2.99 16.35
N ASN B 184 4.96 -3.81 17.43
CA ASN B 184 5.27 -3.31 18.76
C ASN B 184 6.61 -3.79 19.33
N GLY B 185 7.46 -4.32 18.46
CA GLY B 185 8.81 -4.69 18.85
C GLY B 185 8.86 -6.00 19.56
N LEU B 186 7.84 -6.84 19.33
CA LEU B 186 7.72 -8.10 20.08
C LEU B 186 7.95 -9.33 19.20
N GLY B 187 8.45 -9.09 17.98
CA GLY B 187 8.90 -10.17 17.11
C GLY B 187 7.85 -10.68 16.14
N GLU B 188 8.25 -11.64 15.31
CA GLU B 188 7.43 -12.03 14.18
C GLU B 188 6.16 -12.80 14.58
N CYS B 189 6.31 -13.74 15.54
CA CYS B 189 5.22 -14.55 16.09
C CYS B 189 4.15 -14.87 15.05
N PRO B 190 4.53 -15.55 13.97
CA PRO B 190 3.62 -15.62 12.81
C PRO B 190 2.33 -16.40 13.10
N GLU B 191 1.30 -15.97 12.36
CA GLU B 191 -0.05 -16.49 12.51
C GLU B 191 -0.61 -16.76 11.16
N HIS B 192 -1.48 -17.77 11.08
CA HIS B 192 -2.22 -17.99 9.85
C HIS B 192 -3.05 -16.80 9.40
N LEU B 193 -3.13 -16.64 8.08
CA LEU B 193 -3.77 -15.47 7.46
C LEU B 193 -4.89 -15.91 6.51
N TYR B 194 -5.99 -15.14 6.62
CA TYR B 194 -7.22 -15.44 5.85
C TYR B 194 -7.77 -14.20 5.17
N THR B 195 -8.35 -14.33 3.99
CA THR B 195 -9.18 -13.23 3.50
C THR B 195 -10.60 -13.52 3.93
N VAL B 196 -11.30 -12.53 4.44
CA VAL B 196 -12.69 -12.69 4.89
C VAL B 196 -13.58 -11.69 4.12
N ARG B 197 -14.73 -12.18 3.68
CA ARG B 197 -15.66 -11.36 2.91
CA ARG B 197 -15.68 -11.39 2.92
C ARG B 197 -16.76 -10.84 3.84
N PHE B 198 -16.97 -9.53 3.80
CA PHE B 198 -17.99 -8.82 4.60
C PHE B 198 -18.95 -8.14 3.66
N THR B 199 -20.25 -8.33 3.85
CA THR B 199 -21.17 -7.65 2.91
C THR B 199 -21.23 -6.17 3.23
N ALA B 200 -21.60 -5.36 2.24
CA ALA B 200 -21.75 -3.92 2.50
C ALA B 200 -22.87 -3.67 3.51
N GLN B 201 -23.92 -4.51 3.53
CA GLN B 201 -24.95 -4.29 4.56
C GLN B 201 -24.47 -4.65 5.95
N GLU B 202 -23.64 -5.70 6.09
CA GLU B 202 -23.04 -5.98 7.39
C GLU B 202 -22.19 -4.81 7.87
N LEU B 203 -21.41 -4.21 6.95
CA LEU B 203 -20.49 -3.11 7.36
C LEU B 203 -21.21 -1.77 7.64
N TRP B 204 -22.19 -1.44 6.80
CA TRP B 204 -22.71 -0.08 6.73
C TRP B 204 -24.16 0.00 7.08
N GLY B 205 -24.80 -1.16 7.36
CA GLY B 205 -26.21 -1.09 7.78
C GLY B 205 -27.20 -1.47 6.71
N PRO B 206 -28.49 -1.52 7.10
CA PRO B 206 -29.59 -2.04 6.28
C PRO B 206 -29.69 -1.35 4.95
N GLU B 207 -29.23 -0.10 4.87
CA GLU B 207 -29.33 0.63 3.61
C GLU B 207 -28.14 0.39 2.71
N GLY B 208 -27.25 -0.53 3.10
CA GLY B 208 -26.04 -0.78 2.32
C GLY B 208 -26.39 -1.38 0.97
N ASP B 209 -25.46 -1.24 0.03
CA ASP B 209 -25.54 -1.82 -1.33
C ASP B 209 -25.71 -3.33 -1.20
N PRO B 210 -26.84 -3.88 -1.67
CA PRO B 210 -27.02 -5.34 -1.55
C PRO B 210 -26.13 -6.13 -2.50
N ASN B 211 -25.46 -5.45 -3.43
CA ASN B 211 -24.58 -6.13 -4.36
CA ASN B 211 -24.58 -6.09 -4.39
C ASN B 211 -23.14 -5.62 -4.28
N SER B 212 -22.66 -5.50 -3.05
CA SER B 212 -21.27 -5.10 -2.81
C SER B 212 -20.76 -5.81 -1.58
N SER B 213 -19.45 -6.13 -1.57
CA SER B 213 -18.79 -6.73 -0.40
CA SER B 213 -18.80 -6.75 -0.42
C SER B 213 -17.38 -6.21 -0.33
N VAL B 214 -16.81 -6.29 0.86
CA VAL B 214 -15.44 -5.85 1.12
C VAL B 214 -14.69 -7.12 1.57
N TYR B 215 -13.51 -7.32 1.01
CA TYR B 215 -12.62 -8.43 1.38
C TYR B 215 -11.52 -7.86 2.21
N TYR B 216 -11.28 -8.45 3.37
CA TYR B 216 -10.33 -7.85 4.35
C TYR B 216 -9.47 -9.00 4.90
N ASP B 217 -8.16 -8.76 5.07
CA ASP B 217 -7.30 -9.87 5.52
C ASP B 217 -7.19 -9.89 7.04
N CYS B 218 -7.38 -11.09 7.58
CA CYS B 218 -7.51 -11.31 9.03
C CYS B 218 -6.49 -12.33 9.48
N TRP B 219 -5.62 -11.96 10.42
CA TRP B 219 -4.77 -13.00 11.03
C TRP B 219 -5.61 -13.81 11.99
N GLU B 220 -5.16 -15.02 12.28
CA GLU B 220 -6.03 -15.96 12.98
C GLU B 220 -6.62 -15.42 14.31
N PRO B 221 -5.83 -14.74 15.13
CA PRO B 221 -6.42 -14.31 16.41
C PRO B 221 -7.52 -13.27 16.24
N TYR B 222 -7.62 -12.68 15.05
CA TYR B 222 -8.62 -11.63 14.85
C TYR B 222 -10.04 -12.20 14.73
N ILE B 223 -10.16 -13.50 14.47
CA ILE B 223 -11.49 -14.04 14.13
C ILE B 223 -11.76 -15.30 14.93
N GLU B 224 -13.05 -15.50 15.21
CA GLU B 224 -13.50 -16.74 15.84
C GLU B 224 -14.75 -17.17 15.17
N LEU B 225 -15.06 -18.44 15.23
CA LEU B 225 -16.36 -18.63 14.75
C LEU B 225 -17.23 -17.40 15.52
N VAL B 226 -17.43 -16.10 14.94
CA VAL B 226 -18.98 -15.98 14.76
C VAL B 226 -19.10 -17.27 14.36
N ASP B 227 -19.98 -18.04 15.00
CA ASP B 227 -20.01 -19.47 15.21
C ASP B 227 -20.53 -20.30 14.06
N THR B 228 -20.03 -20.09 12.85
CA THR B 228 -20.36 -21.02 11.78
C THR B 228 -19.30 -20.90 10.70
CO CO C . -0.77 0.75 2.70
C1 BUB D . 7.27 -0.21 2.21
C2 BUB D . 5.85 0.23 1.96
C6 BUB D . 5.18 0.81 3.17
C9 BUB D . 3.94 1.59 2.78
B12 BUB D . 2.57 0.66 2.87
O15 BUB D . 2.62 -0.75 2.68
O16 BUB D . 1.28 1.23 2.64
#